data_8GTM
#
_entry.id   8GTM
#
_cell.length_a   95.660
_cell.length_b   70.650
_cell.length_c   86.750
_cell.angle_alpha   90.000
_cell.angle_beta   97.820
_cell.angle_gamma   90.000
#
_symmetry.space_group_name_H-M   'C 1 2 1'
#
loop_
_entity.id
_entity.type
_entity.pdbx_description
1 polymer 'Isoform CRF-R2 of Corticotropin-releasing factor receptor 1'
2 polymer Endolysin
3 non-polymer 7-(4-bromanyl-2,6-dimethoxy-phenyl)-4,8-dimethyl-~{N},~{N}-bis[4,4,4-tris(fluoranyl)butyl]-1$l^{4},3,5,9-tetrazabicyclo[4.3.0]nona-1(6),2,4,8-tetraen-2-amine
#
loop_
_entity_poly.entity_id
_entity_poly.type
_entity_poly.pdbx_seq_one_letter_code
_entity_poly.pdbx_strand_id
1 'polypeptide(L)'
;MEILNEEKKSKVHYHVAAIINYLGHCISLVALLVAFVLFLRARSIRCLRNIIHANLIAAFILRNATWFVVQLTMSPEVHQ
SNVGWCRLVTAAYNYFHVTNFFWMFGEGCYLHTAIVLTYSTDRLRAWMFICIGWGVPFPIIVAWAIGKLYYDNEKCWAGK
RPGVYTDYIYQGPMALVLLINFIFLFNIVRILMTKLRASTTSETIQARKAVKATLVLLPLLGITYMLAFVNPGEDEVSRV
VFIYFNAFLESFQGFFVSVFACFLNSEVRSAAAAHHHHHHHHHH
;
A
2 'polypeptide(L)'
;NIFEMLRIDEGLRLKIYKDTEGYYTIGIGHLLTKSPSLSVAKSELDKAIGRNSNGVITKDEAEKLFNQDVDAAVRGILRN
AKLKPVYDSLDAVRRSALINMVFQMGETGVAGFTNSLRMLQQKRWDEAAVNLAKSRWYNQTPNRAKRVIATFRTGTWDAY
;
B
#
# COMPACT_ATOMS: atom_id res chain seq x y z
N MET A 1 -9.37 -9.90 -57.06
CA MET A 1 -8.68 -11.09 -57.53
C MET A 1 -8.38 -11.95 -56.30
N GLU A 2 -7.25 -12.67 -56.31
CA GLU A 2 -6.79 -13.37 -55.13
C GLU A 2 -6.31 -12.41 -54.02
N ILE A 3 -6.15 -11.13 -54.35
CA ILE A 3 -5.97 -10.14 -53.30
C ILE A 3 -7.17 -10.16 -52.36
N LEU A 4 -8.38 -10.23 -52.93
CA LEU A 4 -9.59 -10.28 -52.11
C LEU A 4 -9.58 -11.51 -51.20
N ASN A 5 -9.16 -12.66 -51.72
CA ASN A 5 -9.00 -13.83 -50.86
C ASN A 5 -7.97 -13.58 -49.75
N GLU A 6 -6.93 -12.81 -50.03
CA GLU A 6 -5.97 -12.46 -49.00
C GLU A 6 -6.63 -11.60 -47.92
N GLU A 7 -7.51 -10.68 -48.31
CA GLU A 7 -8.22 -9.85 -47.34
C GLU A 7 -9.17 -10.69 -46.48
N LYS A 8 -9.90 -11.63 -47.10
CA LYS A 8 -10.80 -12.49 -46.33
C LYS A 8 -10.03 -13.35 -45.33
N LYS A 9 -8.81 -13.76 -45.67
CA LYS A 9 -8.00 -14.54 -44.74
C LYS A 9 -7.68 -13.74 -43.48
N SER A 10 -7.35 -12.46 -43.64
CA SER A 10 -7.01 -11.62 -42.50
C SER A 10 -8.19 -11.46 -41.54
N LYS A 11 -9.40 -11.29 -42.08
CA LYS A 11 -10.56 -11.08 -41.21
C LYS A 11 -10.83 -12.29 -40.33
N VAL A 12 -10.60 -13.50 -40.87
CA VAL A 12 -10.79 -14.73 -40.10
C VAL A 12 -9.81 -14.76 -38.93
N HIS A 13 -8.55 -14.39 -39.17
CA HIS A 13 -7.55 -14.41 -38.11
C HIS A 13 -7.82 -13.33 -37.07
N TYR A 14 -8.26 -12.13 -37.50
CA TYR A 14 -8.67 -11.11 -36.56
C TYR A 14 -9.85 -11.58 -35.72
N HIS A 15 -10.78 -12.29 -36.34
CA HIS A 15 -11.95 -12.79 -35.64
C HIS A 15 -11.57 -13.84 -34.60
N VAL A 16 -10.52 -14.63 -34.86
CA VAL A 16 -10.04 -15.57 -33.85
C VAL A 16 -9.45 -14.82 -32.67
N ALA A 17 -8.65 -13.79 -32.93
CA ALA A 17 -8.12 -12.98 -31.85
C ALA A 17 -9.22 -12.44 -30.96
N ALA A 18 -10.34 -12.02 -31.56
CA ALA A 18 -11.43 -11.42 -30.80
C ALA A 18 -12.05 -12.44 -29.85
N ILE A 19 -12.18 -13.69 -30.29
CA ILE A 19 -12.65 -14.74 -29.38
C ILE A 19 -11.64 -14.99 -28.26
N ILE A 20 -10.34 -14.97 -28.58
CA ILE A 20 -9.33 -15.12 -27.52
C ILE A 20 -9.52 -14.03 -26.49
N ASN A 21 -9.73 -12.79 -26.95
CA ASN A 21 -9.78 -11.63 -26.06
C ASN A 21 -11.03 -11.62 -25.19
N TYR A 22 -12.18 -12.02 -25.76
CA TYR A 22 -13.43 -12.06 -24.98
C TYR A 22 -13.37 -13.15 -23.92
N LEU A 23 -12.96 -14.37 -24.34
CA LEU A 23 -12.91 -15.51 -23.42
C LEU A 23 -11.91 -15.26 -22.29
N GLY A 24 -10.75 -14.68 -22.63
CA GLY A 24 -9.78 -14.33 -21.61
C GLY A 24 -10.35 -13.34 -20.62
N HIS A 25 -10.99 -12.29 -21.12
CA HIS A 25 -11.59 -11.31 -20.20
C HIS A 25 -12.68 -11.92 -19.34
N CYS A 26 -13.49 -12.84 -19.88
CA CYS A 26 -14.52 -13.48 -19.05
C CYS A 26 -13.87 -14.30 -17.95
N ILE A 27 -12.91 -15.13 -18.32
CA ILE A 27 -12.24 -15.95 -17.32
C ILE A 27 -11.59 -15.06 -16.26
N SER A 28 -10.92 -14.00 -16.69
CA SER A 28 -10.23 -13.16 -15.72
C SER A 28 -11.21 -12.50 -14.77
N LEU A 29 -12.32 -11.97 -15.30
CA LEU A 29 -13.28 -11.33 -14.42
C LEU A 29 -13.77 -12.30 -13.34
N VAL A 30 -14.06 -13.54 -13.71
CA VAL A 30 -14.56 -14.51 -12.75
C VAL A 30 -13.48 -14.85 -11.72
N ALA A 31 -12.24 -15.02 -12.17
CA ALA A 31 -11.16 -15.30 -11.21
C ALA A 31 -11.03 -14.16 -10.20
N LEU A 32 -11.00 -12.92 -10.68
CA LEU A 32 -10.87 -11.82 -9.71
C LEU A 32 -12.04 -11.80 -8.73
N LEU A 33 -13.26 -12.02 -9.21
CA LEU A 33 -14.42 -11.99 -8.33
C LEU A 33 -14.33 -13.07 -7.25
N VAL A 34 -13.83 -14.26 -7.59
CA VAL A 34 -13.65 -15.29 -6.58
C VAL A 34 -12.61 -14.87 -5.54
N ALA A 35 -11.52 -14.27 -5.99
CA ALA A 35 -10.49 -13.79 -5.06
C ALA A 35 -11.04 -12.70 -4.17
N PHE A 36 -11.84 -11.82 -4.72
CA PHE A 36 -12.37 -10.72 -3.91
C PHE A 36 -13.20 -11.26 -2.76
N VAL A 37 -14.13 -12.20 -3.05
CA VAL A 37 -15.01 -12.72 -2.00
C VAL A 37 -14.21 -13.53 -0.98
N LEU A 38 -13.20 -14.27 -1.43
CA LEU A 38 -12.33 -14.97 -0.48
C LEU A 38 -11.64 -14.00 0.46
N PHE A 39 -11.09 -12.91 -0.06
CA PHE A 39 -10.43 -11.94 0.81
C PHE A 39 -11.40 -11.36 1.83
N LEU A 40 -12.60 -11.01 1.38
CA LEU A 40 -13.54 -10.34 2.27
C LEU A 40 -14.09 -11.27 3.34
N ARG A 41 -14.23 -12.56 3.02
CA ARG A 41 -14.80 -13.50 3.96
C ARG A 41 -13.90 -13.66 5.19
N ALA A 42 -12.59 -13.72 4.97
CA ALA A 42 -11.65 -13.93 6.06
C ALA A 42 -11.63 -12.76 7.04
N ARG A 43 -11.44 -13.07 8.32
CA ARG A 43 -11.32 -12.02 9.34
C ARG A 43 -10.00 -11.28 9.26
N SER A 44 -9.05 -11.79 8.46
CA SER A 44 -7.80 -11.10 8.15
C SER A 44 -8.00 -9.92 7.21
N ILE A 45 -9.25 -9.63 6.82
CA ILE A 45 -9.52 -8.47 6.03
C ILE A 45 -9.14 -7.19 6.76
N ARG A 46 -9.10 -7.23 8.10
CA ARG A 46 -8.80 -6.02 8.85
C ARG A 46 -7.31 -5.70 8.93
N CYS A 47 -6.43 -6.62 8.54
CA CYS A 47 -5.02 -6.27 8.35
C CYS A 47 -4.85 -5.21 7.25
N LEU A 48 -3.89 -4.32 7.46
CA LEU A 48 -3.58 -3.34 6.44
C LEU A 48 -3.15 -4.03 5.12
N ARG A 49 -2.47 -5.17 5.23
CA ARG A 49 -2.00 -5.92 4.07
C ARG A 49 -3.15 -6.43 3.21
N ASN A 50 -4.19 -6.96 3.84
CA ASN A 50 -5.31 -7.45 3.04
C ASN A 50 -6.18 -6.31 2.51
N ILE A 51 -6.24 -5.19 3.20
CA ILE A 51 -6.98 -4.05 2.70
C ILE A 51 -6.42 -3.62 1.35
N ILE A 52 -5.08 -3.66 1.25
CA ILE A 52 -4.41 -3.26 0.02
C ILE A 52 -4.67 -4.27 -1.09
N HIS A 53 -4.56 -5.56 -0.78
CA HIS A 53 -4.88 -6.58 -1.76
C HIS A 53 -6.32 -6.43 -2.25
N ALA A 54 -7.27 -6.17 -1.32
CA ALA A 54 -8.67 -6.10 -1.70
C ALA A 54 -8.95 -4.92 -2.65
N ASN A 55 -8.37 -3.76 -2.36
CA ASN A 55 -8.54 -2.60 -3.22
C ASN A 55 -7.88 -2.80 -4.58
N LEU A 56 -6.69 -3.39 -4.58
CA LEU A 56 -6.06 -3.78 -5.84
C LEU A 56 -6.96 -4.68 -6.68
N ILE A 57 -7.53 -5.71 -6.05
CA ILE A 57 -8.41 -6.61 -6.80
C ILE A 57 -9.62 -5.86 -7.31
N ALA A 58 -10.19 -4.99 -6.46
CA ALA A 58 -11.38 -4.23 -6.87
C ALA A 58 -11.05 -3.37 -8.09
N ALA A 59 -9.91 -2.69 -8.03
CA ALA A 59 -9.48 -1.85 -9.15
C ALA A 59 -9.44 -2.64 -10.48
N PHE A 60 -8.96 -3.88 -10.44
CA PHE A 60 -8.85 -4.69 -11.64
C PHE A 60 -10.22 -5.20 -12.10
N ILE A 61 -11.14 -5.44 -11.15
CA ILE A 61 -12.49 -5.85 -11.54
C ILE A 61 -13.17 -4.73 -12.31
N LEU A 62 -13.05 -3.48 -11.84
CA LEU A 62 -13.71 -2.39 -12.55
C LEU A 62 -13.13 -2.23 -13.95
N ARG A 63 -11.80 -2.33 -14.06
CA ARG A 63 -11.18 -2.18 -15.37
C ARG A 63 -11.61 -3.29 -16.31
N ASN A 64 -11.57 -4.53 -15.82
CA ASN A 64 -11.97 -5.64 -16.65
C ASN A 64 -13.46 -5.57 -16.97
N ALA A 65 -14.26 -5.09 -16.02
CA ALA A 65 -15.67 -4.91 -16.33
C ALA A 65 -15.85 -3.85 -17.42
N THR A 66 -15.24 -2.65 -17.27
CA THR A 66 -15.55 -1.61 -18.26
C THR A 66 -15.00 -1.94 -19.64
N TRP A 67 -14.06 -2.90 -19.74
CA TRP A 67 -13.55 -3.32 -21.04
C TRP A 67 -14.66 -3.82 -21.97
N PHE A 68 -15.70 -4.44 -21.42
CA PHE A 68 -16.81 -4.90 -22.24
C PHE A 68 -17.56 -3.72 -22.81
N VAL A 69 -17.81 -2.69 -21.99
CA VAL A 69 -18.55 -1.54 -22.48
C VAL A 69 -17.73 -0.78 -23.50
N VAL A 70 -16.41 -0.77 -23.35
CA VAL A 70 -15.57 -0.12 -24.35
C VAL A 70 -15.77 -0.77 -25.71
N GLN A 71 -15.92 -2.10 -25.73
CA GLN A 71 -16.11 -2.83 -26.98
C GLN A 71 -17.29 -2.28 -27.76
N LEU A 72 -18.34 -1.87 -27.06
CA LEU A 72 -19.50 -1.25 -27.70
C LEU A 72 -19.24 0.17 -28.18
N THR A 73 -18.09 0.77 -27.88
CA THR A 73 -17.74 2.08 -28.43
C THR A 73 -16.85 1.98 -29.65
N MET A 74 -16.47 0.77 -30.03
CA MET A 74 -15.50 0.57 -31.09
C MET A 74 -16.20 0.35 -32.44
N SER A 75 -17.52 0.27 -32.43
CA SER A 75 -18.27 0.33 -33.67
C SER A 75 -17.83 1.57 -34.42
N PRO A 76 -17.57 1.47 -35.73
CA PRO A 76 -17.08 2.65 -36.47
C PRO A 76 -18.06 3.80 -36.44
N GLU A 77 -19.35 3.50 -36.46
CA GLU A 77 -20.37 4.54 -36.38
C GLU A 77 -20.24 5.33 -35.08
N VAL A 78 -20.18 4.61 -33.95
CA VAL A 78 -20.04 5.28 -32.67
C VAL A 78 -18.67 5.95 -32.57
N HIS A 79 -17.60 5.28 -33.00
CA HIS A 79 -16.28 5.87 -32.84
C HIS A 79 -16.22 7.26 -33.43
N GLN A 80 -16.85 7.47 -34.60
CA GLN A 80 -16.82 8.76 -35.30
C GLN A 80 -17.84 9.76 -34.76
N SER A 81 -18.91 9.32 -34.09
CA SER A 81 -19.88 10.29 -33.61
C SER A 81 -19.32 11.16 -32.49
N ASN A 82 -18.41 10.61 -31.67
CA ASN A 82 -17.84 11.36 -30.52
C ASN A 82 -18.94 11.84 -29.57
N VAL A 83 -20.01 11.05 -29.44
CA VAL A 83 -21.08 11.35 -28.51
C VAL A 83 -20.57 11.37 -27.05
N GLY A 84 -21.36 12.00 -26.17
CA GLY A 84 -20.89 12.26 -24.81
C GLY A 84 -20.56 10.99 -24.04
N TRP A 85 -21.47 10.00 -24.08
CA TRP A 85 -21.23 8.77 -23.34
C TRP A 85 -20.07 7.98 -23.92
N CYS A 86 -19.81 8.14 -25.21
CA CYS A 86 -18.59 7.65 -25.85
C CYS A 86 -17.34 8.03 -25.05
N ARG A 87 -17.22 9.33 -24.74
CA ARG A 87 -15.98 9.84 -24.20
C ARG A 87 -15.89 9.54 -22.71
N LEU A 88 -17.03 9.55 -22.04
CA LEU A 88 -17.13 9.17 -20.64
C LEU A 88 -16.68 7.72 -20.42
N VAL A 89 -17.05 6.81 -21.32
CA VAL A 89 -16.61 5.42 -21.21
C VAL A 89 -15.11 5.28 -21.41
N THR A 90 -14.53 6.03 -22.37
CA THR A 90 -13.08 6.01 -22.55
C THR A 90 -12.39 6.57 -21.30
N ALA A 91 -12.89 7.66 -20.76
CA ALA A 91 -12.22 8.30 -19.62
C ALA A 91 -12.30 7.44 -18.35
N ALA A 92 -13.46 6.84 -18.10
CA ALA A 92 -13.55 5.89 -17.01
C ALA A 92 -12.57 4.75 -17.20
N TYR A 93 -12.36 4.34 -18.44
CA TYR A 93 -11.48 3.21 -18.63
C TYR A 93 -10.03 3.61 -18.38
N ASN A 94 -9.66 4.83 -18.76
CA ASN A 94 -8.28 5.24 -18.56
C ASN A 94 -8.02 5.49 -17.08
N TYR A 95 -9.02 6.06 -16.39
CA TYR A 95 -8.93 6.25 -14.96
C TYR A 95 -8.65 4.94 -14.24
N PHE A 96 -9.48 3.92 -14.50
CA PHE A 96 -9.24 2.58 -13.94
C PHE A 96 -7.88 2.03 -14.37
N HIS A 97 -7.49 2.26 -15.62
CA HIS A 97 -6.13 1.86 -16.01
C HIS A 97 -5.08 2.51 -15.10
N VAL A 98 -5.28 3.81 -14.79
CA VAL A 98 -4.31 4.51 -13.97
C VAL A 98 -4.37 4.01 -12.53
N THR A 99 -5.58 3.76 -12.01
CA THR A 99 -5.65 3.23 -10.65
C THR A 99 -4.91 1.91 -10.55
N ASN A 100 -4.85 1.16 -11.63
CA ASN A 100 -4.17 -0.12 -11.56
C ASN A 100 -2.69 0.09 -11.31
N PHE A 101 -2.11 1.13 -11.92
CA PHE A 101 -0.69 1.39 -11.77
C PHE A 101 -0.38 1.84 -10.35
N PHE A 102 -1.16 2.80 -9.85
CA PHE A 102 -0.94 3.38 -8.53
C PHE A 102 -1.20 2.38 -7.41
N TRP A 103 -2.16 1.45 -7.59
CA TRP A 103 -2.33 0.40 -6.59
C TRP A 103 -1.18 -0.60 -6.60
N MET A 104 -0.62 -0.91 -7.77
CA MET A 104 0.60 -1.72 -7.76
C MET A 104 1.76 -0.94 -7.15
N PHE A 105 1.78 0.38 -7.32
CA PHE A 105 2.75 1.20 -6.62
C PHE A 105 2.52 1.14 -5.11
N GLY A 106 1.26 1.20 -4.68
CA GLY A 106 0.96 1.13 -3.26
C GLY A 106 1.51 -0.13 -2.62
N GLU A 107 1.35 -1.27 -3.29
CA GLU A 107 1.90 -2.52 -2.76
C GLU A 107 3.41 -2.42 -2.53
N GLY A 108 4.13 -1.80 -3.48
CA GLY A 108 5.54 -1.62 -3.28
C GLY A 108 5.89 -0.68 -2.15
N CYS A 109 5.08 0.36 -1.92
CA CYS A 109 5.29 1.23 -0.76
C CYS A 109 5.14 0.46 0.55
N TYR A 110 4.16 -0.45 0.63
CA TYR A 110 3.92 -1.20 1.86
C TYR A 110 5.12 -2.10 2.18
N LEU A 111 5.59 -2.84 1.18
CA LEU A 111 6.66 -3.79 1.37
C LEU A 111 7.97 -3.11 1.75
N HIS A 112 8.21 -1.91 1.22
CA HIS A 112 9.41 -1.18 1.61
C HIS A 112 9.30 -0.66 3.05
N THR A 113 8.08 -0.20 3.45
CA THR A 113 7.89 0.36 4.79
C THR A 113 7.84 -0.75 5.83
N ALA A 114 7.25 -1.90 5.47
CA ALA A 114 7.05 -2.99 6.43
C ALA A 114 8.37 -3.55 6.94
N ILE A 115 9.39 -3.63 6.08
CA ILE A 115 10.66 -4.17 6.51
C ILE A 115 11.56 -3.14 7.15
N VAL A 116 11.12 -1.88 7.27
CA VAL A 116 12.01 -0.83 7.79
C VAL A 116 11.43 -0.10 9.02
N LEU A 117 10.10 -0.09 9.16
CA LEU A 117 9.44 0.56 10.29
C LEU A 117 8.56 -0.48 10.95
N THR A 118 8.83 -0.74 12.23
CA THR A 118 8.14 -1.78 12.93
C THR A 118 6.68 -1.42 13.00
N ASP A 122 -4.39 -0.35 11.88
CA ASP A 122 -4.23 -0.55 10.45
C ASP A 122 -5.27 0.29 9.69
N ARG A 123 -6.43 0.50 10.34
CA ARG A 123 -7.54 1.14 9.64
C ARG A 123 -7.26 2.62 9.40
N LEU A 124 -6.47 3.26 10.26
CA LEU A 124 -6.15 4.66 10.04
C LEU A 124 -5.10 4.80 8.92
N ARG A 125 -4.06 3.97 8.93
CA ARG A 125 -2.96 4.15 8.00
C ARG A 125 -3.39 3.88 6.56
N ALA A 126 -4.45 3.09 6.39
CA ALA A 126 -4.94 2.74 5.07
C ALA A 126 -5.31 3.98 4.26
N TRP A 127 -5.81 5.01 4.92
CA TRP A 127 -6.27 6.17 4.16
C TRP A 127 -5.15 6.74 3.30
N MET A 128 -3.90 6.57 3.69
CA MET A 128 -2.83 7.05 2.84
C MET A 128 -2.80 6.28 1.51
N PHE A 129 -2.99 4.96 1.58
CA PHE A 129 -2.99 4.13 0.37
C PHE A 129 -4.24 4.33 -0.48
N ILE A 130 -5.39 4.57 0.16
CA ILE A 130 -6.62 4.85 -0.58
C ILE A 130 -6.51 6.19 -1.30
N CYS A 131 -5.83 7.15 -0.70
CA CYS A 131 -5.67 8.45 -1.30
C CYS A 131 -4.69 8.40 -2.48
N ILE A 132 -3.70 7.52 -2.42
CA ILE A 132 -2.77 7.35 -3.53
C ILE A 132 -3.40 6.48 -4.63
N GLY A 133 -4.01 5.36 -4.26
CA GLY A 133 -4.55 4.46 -5.26
C GLY A 133 -5.73 5.05 -6.00
N TRP A 134 -6.72 5.54 -5.28
CA TRP A 134 -7.98 6.00 -5.87
C TRP A 134 -8.03 7.50 -6.13
N GLY A 135 -7.47 8.33 -5.22
CA GLY A 135 -7.63 9.77 -5.23
C GLY A 135 -6.66 10.57 -6.11
N VAL A 136 -5.38 10.22 -6.14
CA VAL A 136 -4.45 10.94 -7.01
C VAL A 136 -4.81 10.81 -8.47
N PRO A 137 -5.24 9.66 -8.99
CA PRO A 137 -5.52 9.59 -10.43
C PRO A 137 -6.68 10.48 -10.89
N PHE A 138 -7.65 10.75 -10.05
CA PHE A 138 -8.81 11.52 -10.50
C PHE A 138 -8.42 12.87 -11.10
N PRO A 139 -7.67 13.73 -10.43
CA PRO A 139 -7.29 15.01 -11.05
C PRO A 139 -6.41 14.87 -12.27
N ILE A 140 -5.65 13.78 -12.39
CA ILE A 140 -4.85 13.54 -13.58
C ILE A 140 -5.75 13.27 -14.76
N ILE A 141 -6.82 12.50 -14.52
CA ILE A 141 -7.78 12.18 -15.55
C ILE A 141 -8.58 13.42 -15.92
N VAL A 142 -8.98 14.21 -14.94
CA VAL A 142 -9.65 15.46 -15.26
C VAL A 142 -8.75 16.33 -16.11
N ALA A 143 -7.51 16.51 -15.68
CA ALA A 143 -6.60 17.31 -16.48
C ALA A 143 -6.47 16.76 -17.89
N TRP A 144 -6.35 15.44 -18.02
CA TRP A 144 -6.28 14.86 -19.35
C TRP A 144 -7.55 15.17 -20.12
N ALA A 145 -8.68 15.15 -19.43
CA ALA A 145 -9.96 15.43 -20.07
C ALA A 145 -10.04 16.86 -20.57
N ILE A 146 -9.64 17.83 -19.73
CA ILE A 146 -9.60 19.22 -20.21
C ILE A 146 -8.72 19.31 -21.44
N GLY A 147 -7.62 18.59 -21.46
CA GLY A 147 -6.76 18.63 -22.63
C GLY A 147 -7.40 17.97 -23.85
N LYS A 148 -8.12 16.87 -23.63
CA LYS A 148 -8.86 16.24 -24.72
C LYS A 148 -9.94 17.19 -25.25
N LEU A 149 -10.66 17.83 -24.34
CA LEU A 149 -11.75 18.72 -24.73
C LEU A 149 -11.26 19.84 -25.61
N TYR A 150 -9.98 20.15 -25.54
CA TYR A 150 -9.52 21.42 -26.03
C TYR A 150 -8.56 21.27 -27.21
N TYR A 151 -7.80 20.16 -27.30
CA TYR A 151 -6.89 19.93 -28.42
C TYR A 151 -7.18 18.67 -29.22
N ASP A 152 -7.94 17.71 -28.69
CA ASP A 152 -8.21 16.47 -29.43
C ASP A 152 -9.65 15.97 -29.23
N ASN A 153 -10.65 16.83 -29.46
CA ASN A 153 -12.03 16.40 -29.21
C ASN A 153 -12.56 15.58 -30.38
N GLU A 154 -12.08 14.34 -30.48
CA GLU A 154 -12.44 13.47 -31.60
C GLU A 154 -12.40 12.00 -31.19
N LYS A 155 -13.12 11.18 -31.94
CA LYS A 155 -12.97 9.73 -31.88
C LYS A 155 -13.16 9.18 -30.46
N CYS A 156 -13.99 9.85 -29.67
CA CYS A 156 -14.26 9.43 -28.30
C CYS A 156 -13.04 9.45 -27.42
N TRP A 157 -12.07 10.32 -27.72
CA TRP A 157 -10.84 10.44 -26.96
C TRP A 157 -10.00 9.18 -27.00
N ALA A 158 -10.39 8.19 -27.80
CA ALA A 158 -9.54 7.03 -28.02
C ALA A 158 -8.81 7.13 -29.36
N GLY A 159 -8.73 8.33 -29.90
CA GLY A 159 -8.02 8.52 -31.13
C GLY A 159 -6.51 8.48 -30.94
N LYS A 160 -5.82 8.06 -31.99
CA LYS A 160 -4.37 8.11 -32.01
C LYS A 160 -3.94 8.88 -33.25
N ARG A 161 -3.29 10.03 -33.03
CA ARG A 161 -2.77 10.87 -34.10
C ARG A 161 -1.36 11.30 -33.72
N PRO A 162 -0.38 11.17 -34.61
CA PRO A 162 0.97 11.64 -34.28
C PRO A 162 0.98 13.15 -34.06
N GLY A 163 1.81 13.59 -33.12
CA GLY A 163 1.99 15.00 -32.86
C GLY A 163 1.12 15.58 -31.77
N VAL A 164 0.15 14.84 -31.26
CA VAL A 164 -0.55 15.24 -30.06
C VAL A 164 0.04 14.45 -28.91
N TYR A 165 0.33 15.13 -27.83
CA TYR A 165 0.89 14.47 -26.66
C TYR A 165 -0.02 14.63 -25.46
N THR A 166 -1.33 14.70 -25.70
CA THR A 166 -2.27 14.83 -24.62
C THR A 166 -2.22 13.63 -23.68
N ASP A 167 -2.03 12.42 -24.24
CA ASP A 167 -2.12 11.22 -23.43
C ASP A 167 -0.97 11.14 -22.45
N TYR A 168 0.13 11.84 -22.73
CA TYR A 168 1.22 11.93 -21.78
C TYR A 168 0.74 12.47 -20.44
N ILE A 169 -0.34 13.25 -20.42
CA ILE A 169 -0.79 13.75 -19.12
C ILE A 169 -1.02 12.60 -18.17
N TYR A 170 -1.58 11.50 -18.66
CA TYR A 170 -1.77 10.35 -17.81
C TYR A 170 -0.72 9.27 -18.02
N GLN A 171 -0.06 9.21 -19.18
CA GLN A 171 0.88 8.10 -19.38
C GLN A 171 2.19 8.33 -18.67
N GLY A 172 2.69 9.57 -18.63
CA GLY A 172 3.92 9.85 -17.92
C GLY A 172 3.87 9.63 -16.44
N PRO A 173 2.81 10.03 -15.73
CA PRO A 173 2.66 9.60 -14.35
C PRO A 173 2.77 8.08 -14.21
N MET A 174 2.23 7.34 -15.18
CA MET A 174 2.32 5.89 -15.08
C MET A 174 3.79 5.44 -15.03
N ALA A 175 4.60 5.95 -15.96
CA ALA A 175 5.99 5.52 -16.04
C ALA A 175 6.78 5.92 -14.79
N LEU A 176 6.45 7.08 -14.22
CA LEU A 176 7.19 7.55 -13.05
C LEU A 176 7.03 6.60 -11.86
N VAL A 177 5.79 6.13 -11.57
CA VAL A 177 5.58 5.26 -10.41
C VAL A 177 6.21 3.91 -10.65
N LEU A 178 6.39 3.51 -11.90
CA LEU A 178 7.12 2.29 -12.17
C LEU A 178 8.62 2.49 -11.94
N LEU A 179 9.17 3.63 -12.36
CA LEU A 179 10.55 3.92 -12.02
C LEU A 179 10.76 3.80 -10.51
N ILE A 180 9.93 4.49 -9.72
CA ILE A 180 10.10 4.46 -8.27
C ILE A 180 9.92 3.03 -7.73
N ASN A 181 9.01 2.25 -8.30
CA ASN A 181 8.87 0.89 -7.81
C ASN A 181 10.11 0.06 -8.09
N PHE A 182 10.89 0.38 -9.14
CA PHE A 182 12.16 -0.32 -9.37
C PHE A 182 13.21 0.06 -8.34
N ILE A 183 13.28 1.33 -7.97
CA ILE A 183 14.19 1.71 -6.89
C ILE A 183 13.81 0.98 -5.60
N PHE A 184 12.51 0.84 -5.31
CA PHE A 184 12.10 0.15 -4.10
C PHE A 184 12.57 -1.29 -4.12
N LEU A 185 12.46 -1.94 -5.27
CA LEU A 185 12.79 -3.36 -5.37
C LEU A 185 14.27 -3.62 -5.19
N PHE A 186 15.12 -2.66 -5.60
CA PHE A 186 16.55 -2.84 -5.44
C PHE A 186 16.94 -2.71 -3.99
N ASN A 187 16.33 -1.74 -3.29
CA ASN A 187 16.63 -1.56 -1.87
C ASN A 187 16.11 -2.72 -1.04
N ILE A 188 14.92 -3.23 -1.37
CA ILE A 188 14.41 -4.39 -0.64
C ILE A 188 15.36 -5.55 -0.80
N VAL A 189 15.82 -5.79 -2.04
CA VAL A 189 16.76 -6.88 -2.30
C VAL A 189 18.08 -6.64 -1.60
N ARG A 190 18.59 -5.41 -1.63
CA ARG A 190 19.83 -5.08 -0.93
C ARG A 190 19.65 -5.25 0.57
N ILE A 191 18.58 -4.68 1.11
CA ILE A 191 18.31 -4.83 2.54
C ILE A 191 18.22 -6.30 2.90
N LEU A 192 17.44 -7.07 2.13
CA LEU A 192 17.24 -8.47 2.47
C LEU A 192 18.51 -9.30 2.34
N MET A 193 19.45 -8.87 1.47
CA MET A 193 20.62 -9.70 1.26
C MET A 193 21.71 -9.38 2.28
N THR A 194 21.83 -8.11 2.69
CA THR A 194 22.89 -7.72 3.63
C THR A 194 22.44 -7.88 5.09
N LYS A 195 21.61 -6.97 5.56
CA LYS A 195 20.89 -7.20 6.81
C LYS A 195 19.74 -8.14 6.55
N LEU A 196 19.11 -8.62 7.59
CA LEU A 196 17.96 -9.52 7.42
C LEU A 196 18.32 -10.79 6.65
N ARG A 197 19.61 -11.02 6.38
CA ARG A 197 20.03 -12.27 5.76
C ARG A 197 19.70 -13.46 6.66
N ALA A 198 19.87 -13.32 7.98
CA ALA A 198 19.47 -14.36 8.93
C ALA A 198 18.15 -14.07 9.61
N SER A 199 17.53 -12.92 9.35
CA SER A 199 16.28 -12.56 10.01
C SER A 199 15.20 -13.57 9.67
N THR A 200 14.41 -13.93 10.69
CA THR A 200 13.32 -14.89 10.49
C THR A 200 12.00 -14.32 11.03
N THR A 201 11.88 -12.99 11.06
CA THR A 201 10.61 -12.35 11.40
C THR A 201 9.53 -12.63 10.35
N SER A 202 8.27 -12.57 10.77
CA SER A 202 7.17 -12.87 9.86
C SER A 202 7.16 -11.91 8.68
N GLU A 203 7.49 -10.64 8.92
CA GLU A 203 7.58 -9.68 7.82
C GLU A 203 8.66 -10.10 6.83
N THR A 204 9.79 -10.64 7.32
CA THR A 204 10.88 -11.04 6.45
C THR A 204 10.50 -12.23 5.57
N ILE A 205 9.82 -13.24 6.12
CA ILE A 205 9.44 -14.40 5.31
C ILE A 205 8.46 -13.97 4.23
N GLN A 206 7.48 -13.16 4.62
CA GLN A 206 6.50 -12.70 3.64
C GLN A 206 7.17 -11.83 2.58
N ALA A 207 8.14 -11.00 2.99
CA ALA A 207 8.83 -10.14 2.03
C ALA A 207 9.55 -10.97 0.97
N ARG A 208 10.24 -12.02 1.41
CA ARG A 208 10.92 -12.91 0.47
C ARG A 208 9.91 -13.61 -0.47
N LYS A 209 8.75 -14.03 0.07
CA LYS A 209 7.73 -14.61 -0.79
C LYS A 209 7.26 -13.60 -1.83
N ALA A 210 7.08 -12.35 -1.39
CA ALA A 210 6.72 -11.30 -2.32
C ALA A 210 7.77 -11.14 -3.42
N VAL A 211 9.05 -11.03 -3.03
CA VAL A 211 10.11 -10.77 -4.01
C VAL A 211 10.15 -11.87 -5.06
N LYS A 212 9.92 -13.11 -4.66
CA LYS A 212 9.93 -14.19 -5.64
C LYS A 212 8.74 -14.05 -6.60
N ALA A 213 7.54 -13.85 -6.06
CA ALA A 213 6.36 -13.70 -6.90
C ALA A 213 6.50 -12.50 -7.84
N THR A 214 6.91 -11.36 -7.29
CA THR A 214 7.09 -10.16 -8.11
C THR A 214 8.04 -10.42 -9.26
N LEU A 215 9.15 -11.11 -8.97
CA LEU A 215 10.08 -11.46 -10.04
C LEU A 215 9.42 -12.36 -11.07
N VAL A 216 8.50 -13.23 -10.64
CA VAL A 216 7.84 -14.09 -11.64
C VAL A 216 6.87 -13.27 -12.48
N LEU A 217 6.13 -12.36 -11.85
CA LEU A 217 5.10 -11.63 -12.56
C LEU A 217 5.70 -10.59 -13.52
N LEU A 218 6.86 -10.01 -13.16
CA LEU A 218 7.39 -8.89 -13.94
C LEU A 218 7.63 -9.26 -15.39
N PRO A 219 8.26 -10.39 -15.71
CA PRO A 219 8.32 -10.78 -17.12
C PRO A 219 6.96 -11.03 -17.74
N LEU A 220 6.04 -11.67 -17.00
CA LEU A 220 4.76 -12.03 -17.61
C LEU A 220 4.00 -10.81 -18.08
N LEU A 221 3.97 -9.75 -17.27
CA LEU A 221 3.28 -8.52 -17.62
C LEU A 221 4.06 -7.63 -18.58
N GLY A 222 5.38 -7.79 -18.63
CA GLY A 222 6.19 -6.87 -19.39
C GLY A 222 6.20 -7.10 -20.88
N ILE A 223 6.08 -8.35 -21.34
CA ILE A 223 6.13 -8.63 -22.77
C ILE A 223 5.07 -7.82 -23.51
N THR A 224 3.84 -7.80 -23.00
CA THR A 224 2.77 -7.10 -23.68
C THR A 224 3.02 -5.60 -23.75
N TYR A 225 3.66 -5.00 -22.74
CA TYR A 225 3.91 -3.57 -22.82
C TYR A 225 4.93 -3.26 -23.90
N MET A 226 6.00 -4.05 -23.99
CA MET A 226 6.95 -3.86 -25.07
C MET A 226 6.34 -4.24 -26.42
N LEU A 227 5.58 -5.33 -26.48
CA LEU A 227 5.05 -5.81 -27.76
C LEU A 227 4.26 -4.72 -28.47
N ALA A 228 3.63 -3.82 -27.71
CA ALA A 228 2.92 -2.71 -28.31
C ALA A 228 3.81 -1.89 -29.24
N PHE A 229 5.10 -1.76 -28.92
CA PHE A 229 6.01 -0.95 -29.72
C PHE A 229 6.68 -1.75 -30.84
N VAL A 230 6.35 -3.04 -31.00
CA VAL A 230 7.13 -3.90 -31.86
C VAL A 230 7.05 -3.46 -33.33
N ASN A 231 5.82 -3.25 -33.83
CA ASN A 231 5.60 -3.05 -35.28
C ASN A 231 6.19 -4.21 -36.07
N PRO A 232 5.68 -5.46 -35.85
CA PRO A 232 6.40 -6.66 -36.31
C PRO A 232 6.61 -6.79 -37.82
N GLY A 233 5.55 -6.84 -38.61
CA GLY A 233 5.70 -6.98 -40.04
C GLY A 233 4.53 -7.71 -40.67
N GLU A 234 4.75 -8.16 -41.91
CA GLU A 234 3.71 -8.71 -42.76
C GLU A 234 3.90 -10.19 -43.08
N ASP A 235 4.86 -10.87 -42.44
CA ASP A 235 4.94 -12.33 -42.57
C ASP A 235 3.64 -12.93 -42.06
N GLU A 236 3.04 -13.82 -42.86
CA GLU A 236 1.78 -14.43 -42.44
C GLU A 236 1.97 -15.25 -41.17
N VAL A 237 3.09 -15.98 -41.06
CA VAL A 237 3.36 -16.73 -39.84
C VAL A 237 3.62 -15.79 -38.67
N SER A 238 4.41 -14.73 -38.90
CA SER A 238 4.68 -13.75 -37.84
C SER A 238 3.40 -13.08 -37.38
N ARG A 239 2.52 -12.73 -38.33
CA ARG A 239 1.28 -12.06 -37.96
C ARG A 239 0.38 -12.98 -37.13
N VAL A 240 0.20 -14.23 -37.55
CA VAL A 240 -0.76 -15.09 -36.86
C VAL A 240 -0.36 -15.30 -35.41
N VAL A 241 0.91 -15.63 -35.17
CA VAL A 241 1.37 -15.88 -33.80
C VAL A 241 1.43 -14.59 -33.00
N PHE A 242 1.95 -13.52 -33.59
CA PHE A 242 2.07 -12.25 -32.88
C PHE A 242 0.72 -11.81 -32.31
N ILE A 243 -0.31 -11.81 -33.15
CA ILE A 243 -1.64 -11.39 -32.73
C ILE A 243 -2.22 -12.37 -31.71
N TYR A 244 -2.05 -13.68 -31.95
CA TYR A 244 -2.61 -14.66 -31.02
C TYR A 244 -1.92 -14.60 -29.67
N PHE A 245 -0.58 -14.60 -29.67
CA PHE A 245 0.14 -14.60 -28.42
C PHE A 245 -0.12 -13.32 -27.63
N ASN A 246 -0.14 -12.18 -28.32
CA ASN A 246 -0.39 -10.92 -27.62
C ASN A 246 -1.82 -10.87 -27.08
N ALA A 247 -2.79 -11.39 -27.84
CA ALA A 247 -4.17 -11.38 -27.36
C ALA A 247 -4.33 -12.24 -26.12
N PHE A 248 -3.66 -13.39 -26.10
CA PHE A 248 -3.68 -14.21 -24.90
C PHE A 248 -3.10 -13.43 -23.71
N LEU A 249 -1.99 -12.72 -23.91
CA LEU A 249 -1.31 -12.06 -22.81
C LEU A 249 -2.08 -10.88 -22.26
N GLU A 250 -2.62 -10.03 -23.14
CA GLU A 250 -3.44 -8.92 -22.65
C GLU A 250 -4.68 -9.43 -21.94
N SER A 251 -5.33 -10.45 -22.49
CA SER A 251 -6.63 -10.87 -22.00
C SER A 251 -6.58 -11.69 -20.71
N PHE A 252 -5.46 -12.33 -20.39
CA PHE A 252 -5.34 -13.13 -19.17
C PHE A 252 -4.61 -12.37 -18.04
N GLN A 253 -4.34 -11.08 -18.24
CA GLN A 253 -3.60 -10.31 -17.25
C GLN A 253 -4.30 -10.31 -15.90
N GLY A 254 -5.64 -10.17 -15.90
CA GLY A 254 -6.37 -10.18 -14.64
C GLY A 254 -6.25 -11.50 -13.92
N PHE A 255 -6.29 -12.60 -14.67
CA PHE A 255 -6.11 -13.92 -14.08
C PHE A 255 -4.73 -14.04 -13.43
N PHE A 256 -3.69 -13.50 -14.07
CA PHE A 256 -2.36 -13.58 -13.48
C PHE A 256 -2.30 -12.84 -12.15
N VAL A 257 -2.90 -11.65 -12.09
CA VAL A 257 -2.90 -10.82 -10.89
C VAL A 257 -3.70 -11.46 -9.77
N SER A 258 -4.70 -12.28 -10.10
CA SER A 258 -5.51 -12.89 -9.05
C SER A 258 -4.78 -14.07 -8.40
N VAL A 259 -4.01 -14.83 -9.18
CA VAL A 259 -3.14 -15.85 -8.59
C VAL A 259 -2.10 -15.17 -7.71
N PHE A 260 -1.52 -14.07 -8.19
CA PHE A 260 -0.48 -13.33 -7.47
C PHE A 260 -0.97 -12.88 -6.11
N ALA A 261 -2.16 -12.31 -6.04
CA ALA A 261 -2.72 -11.83 -4.78
C ALA A 261 -3.08 -12.98 -3.85
N CYS A 262 -3.71 -14.03 -4.39
CA CYS A 262 -4.10 -15.14 -3.51
C CYS A 262 -2.87 -15.82 -2.91
N PHE A 263 -1.85 -16.07 -3.72
CA PHE A 263 -0.61 -16.67 -3.24
C PHE A 263 -0.05 -15.88 -2.06
N LEU A 264 0.05 -14.55 -2.19
CA LEU A 264 0.60 -13.73 -1.11
C LEU A 264 -0.22 -13.84 0.17
N ASN A 265 -1.49 -14.19 0.08
CA ASN A 265 -2.34 -14.22 1.26
C ASN A 265 -1.83 -15.22 2.29
N SER A 266 -1.38 -16.38 1.83
CA SER A 266 -0.82 -17.41 2.71
C SER A 266 -0.13 -16.84 3.95
N ASN B 1 5.32 -3.05 14.43
CA ASN B 1 4.29 -2.04 14.23
C ASN B 1 4.30 -0.98 15.34
N ILE B 2 4.99 -1.30 16.45
CA ILE B 2 4.97 -0.47 17.64
C ILE B 2 5.44 0.92 17.33
N PHE B 3 6.40 1.04 16.39
CA PHE B 3 6.91 2.35 16.06
C PHE B 3 5.83 3.22 15.42
N GLU B 4 5.07 2.66 14.47
CA GLU B 4 4.00 3.44 13.86
C GLU B 4 2.90 3.76 14.87
N MET B 5 2.68 2.84 15.82
CA MET B 5 1.65 3.05 16.84
C MET B 5 1.92 4.31 17.65
N LEU B 6 3.14 4.42 18.21
CA LEU B 6 3.44 5.56 19.06
C LEU B 6 3.47 6.83 18.25
N ARG B 7 3.77 6.66 17.00
CA ARG B 7 3.89 7.77 16.08
C ARG B 7 2.56 8.41 15.73
N ILE B 8 1.54 7.60 15.53
CA ILE B 8 0.18 8.12 15.47
C ILE B 8 -0.22 8.78 16.80
N ASP B 9 0.10 8.15 17.93
CA ASP B 9 -0.47 8.59 19.20
C ASP B 9 0.26 9.79 19.80
N GLU B 10 1.56 9.93 19.54
CA GLU B 10 2.34 11.02 20.09
C GLU B 10 2.91 11.98 19.06
N GLY B 11 3.31 11.53 17.88
CA GLY B 11 3.87 12.41 16.89
C GLY B 11 5.36 12.18 16.68
N LEU B 12 5.87 12.70 15.58
CA LEU B 12 7.28 12.57 15.22
C LEU B 12 7.83 13.92 14.77
N ARG B 13 8.93 14.35 15.39
CA ARG B 13 9.65 15.58 15.09
C ARG B 13 11.10 15.24 14.75
N LEU B 14 11.60 15.75 13.64
CA LEU B 14 12.94 15.37 13.17
C LEU B 14 14.03 16.40 13.46
N LYS B 15 13.67 17.54 14.07
CA LYS B 15 14.66 18.52 14.50
C LYS B 15 14.46 18.84 15.99
N ILE B 16 15.51 19.38 16.61
CA ILE B 16 15.47 19.66 18.05
C ILE B 16 14.41 20.70 18.36
N TYR B 17 13.59 20.42 19.37
CA TYR B 17 12.56 21.32 19.86
C TYR B 17 12.54 21.31 21.39
N LYS B 18 11.87 22.30 21.99
CA LYS B 18 11.86 22.50 23.43
C LYS B 18 10.46 22.20 23.97
N ASP B 19 10.40 21.44 25.06
CA ASP B 19 9.11 20.98 25.56
C ASP B 19 8.46 22.07 26.42
N THR B 20 7.24 21.80 26.91
CA THR B 20 6.52 22.83 27.67
C THR B 20 7.29 23.27 28.89
N GLU B 21 8.06 22.39 29.51
CA GLU B 21 8.86 22.83 30.65
C GLU B 21 10.19 23.42 30.23
N GLY B 22 10.55 23.33 28.95
CA GLY B 22 11.70 24.05 28.41
C GLY B 22 12.96 23.23 28.17
N TYR B 23 12.94 21.93 28.38
CA TYR B 23 14.12 21.14 28.06
C TYR B 23 14.15 20.81 26.56
N TYR B 24 15.26 20.22 26.09
CA TYR B 24 15.48 19.95 24.67
C TYR B 24 15.16 18.49 24.35
N THR B 25 14.32 18.29 23.33
CA THR B 25 13.80 16.97 23.01
C THR B 25 13.74 16.77 21.50
N ILE B 26 13.59 15.51 21.08
CA ILE B 26 13.60 15.17 19.65
C ILE B 26 12.98 13.78 19.47
N GLY B 27 12.53 13.51 18.24
CA GLY B 27 12.04 12.21 17.88
C GLY B 27 10.60 11.96 18.30
N ILE B 28 10.31 10.77 18.81
CA ILE B 28 9.04 10.52 19.55
C ILE B 28 9.35 10.77 21.02
N GLY B 29 9.35 12.04 21.40
CA GLY B 29 9.52 12.44 22.80
C GLY B 29 10.80 12.00 23.50
N HIS B 30 11.96 12.15 22.84
CA HIS B 30 13.24 11.79 23.45
C HIS B 30 13.90 13.04 24.02
N LEU B 31 13.96 13.14 25.36
CA LEU B 31 14.67 14.22 26.04
C LEU B 31 16.17 13.97 26.00
N LEU B 32 16.94 15.00 25.61
CA LEU B 32 18.40 14.88 25.51
C LEU B 32 19.12 15.31 26.78
N THR B 33 18.80 16.49 27.31
CA THR B 33 19.46 17.05 28.48
C THR B 33 18.63 18.21 28.99
N LYS B 34 18.51 18.32 30.31
CA LYS B 34 17.71 19.38 30.93
C LYS B 34 18.43 20.72 30.95
N SER B 35 19.71 20.77 30.58
CA SER B 35 20.46 22.01 30.60
C SER B 35 19.84 23.02 29.65
N PRO B 36 19.87 24.31 30.00
CA PRO B 36 19.44 25.32 29.03
C PRO B 36 20.40 25.49 27.88
N SER B 37 21.58 24.90 27.97
CA SER B 37 22.57 25.02 26.90
C SER B 37 22.30 24.00 25.81
N LEU B 38 22.16 24.49 24.57
CA LEU B 38 21.94 23.59 23.44
C LEU B 38 23.16 22.74 23.14
N SER B 39 24.36 23.29 23.39
CA SER B 39 25.57 22.54 23.11
C SER B 39 25.55 21.18 23.80
N VAL B 40 25.24 21.17 25.10
CA VAL B 40 25.14 19.90 25.82
C VAL B 40 24.02 19.04 25.23
N ALA B 41 22.94 19.66 24.78
CA ALA B 41 21.86 18.91 24.13
C ALA B 41 22.35 18.26 22.84
N LYS B 42 22.98 19.05 21.96
CA LYS B 42 23.41 18.51 20.68
C LYS B 42 24.45 17.40 20.87
N SER B 43 25.38 17.58 21.81
CA SER B 43 26.43 16.58 22.02
C SER B 43 25.85 15.28 22.57
N GLU B 44 24.98 15.37 23.58
CA GLU B 44 24.24 14.19 24.01
C GLU B 44 23.65 13.48 22.80
N LEU B 45 23.34 14.22 21.75
CA LEU B 45 22.87 13.64 20.50
C LEU B 45 23.98 12.96 19.73
N ASP B 46 25.17 13.58 19.68
CA ASP B 46 26.23 13.05 18.83
C ASP B 46 26.62 11.64 19.23
N LYS B 47 26.71 11.39 20.55
CA LYS B 47 27.09 10.06 21.01
C LYS B 47 26.07 9.01 20.63
N ALA B 48 24.78 9.31 20.81
CA ALA B 48 23.74 8.36 20.43
C ALA B 48 23.68 8.18 18.93
N ILE B 49 23.70 9.27 18.17
CA ILE B 49 23.57 9.16 16.71
C ILE B 49 24.83 8.55 16.11
N GLY B 50 26.00 8.84 16.68
CA GLY B 50 27.23 8.35 16.09
C GLY B 50 27.48 8.90 14.70
N ARG B 51 27.09 10.14 14.47
CA ARG B 51 27.25 10.80 13.17
C ARG B 51 27.50 12.28 13.44
N ASN B 52 27.60 13.04 12.36
CA ASN B 52 27.63 14.49 12.49
C ASN B 52 26.46 14.92 13.34
N SER B 53 26.74 15.49 14.51
CA SER B 53 25.70 15.88 15.44
C SER B 53 25.04 17.16 14.92
N ASN B 54 23.81 17.05 14.46
CA ASN B 54 23.09 18.20 13.91
C ASN B 54 21.67 18.19 14.48
N GLY B 55 20.98 19.32 14.31
CA GLY B 55 19.62 19.43 14.82
C GLY B 55 18.68 18.44 14.18
N VAL B 56 18.80 18.24 12.87
CA VAL B 56 17.96 17.32 12.11
C VAL B 56 18.53 15.92 12.20
N ILE B 57 17.64 14.92 12.29
CA ILE B 57 18.02 13.52 12.33
C ILE B 57 17.24 12.79 11.26
N THR B 58 17.74 11.61 10.88
CA THR B 58 17.02 10.80 9.91
C THR B 58 15.83 10.10 10.59
N LYS B 59 14.78 9.87 9.79
CA LYS B 59 13.66 9.08 10.30
C LYS B 59 14.15 7.74 10.84
N ASP B 60 15.14 7.14 10.18
CA ASP B 60 15.75 5.94 10.71
C ASP B 60 16.40 6.22 12.06
N GLU B 61 17.07 7.36 12.19
CA GLU B 61 17.69 7.67 13.47
C GLU B 61 16.65 7.77 14.58
N ALA B 62 15.44 8.25 14.23
CA ALA B 62 14.36 8.33 15.20
C ALA B 62 14.04 6.95 15.78
N GLU B 63 14.07 5.90 14.95
CA GLU B 63 13.63 4.58 15.40
C GLU B 63 14.67 3.93 16.29
N LYS B 64 15.95 4.26 16.12
CA LYS B 64 16.93 3.75 17.09
C LYS B 64 16.81 4.46 18.45
N LEU B 65 16.64 5.78 18.45
CA LEU B 65 16.32 6.45 19.71
C LEU B 65 15.04 5.88 20.29
N PHE B 66 13.99 5.81 19.47
CA PHE B 66 12.74 5.23 19.93
C PHE B 66 12.99 3.86 20.54
N ASN B 67 13.81 3.05 19.89
CA ASN B 67 14.03 1.69 20.39
C ASN B 67 14.72 1.72 21.73
N GLN B 68 15.70 2.61 21.89
CA GLN B 68 16.35 2.74 23.18
C GLN B 68 15.36 3.10 24.28
N ASP B 69 14.42 4.00 23.99
CA ASP B 69 13.41 4.36 24.97
C ASP B 69 12.47 3.19 25.24
N VAL B 70 12.23 2.34 24.25
CA VAL B 70 11.35 1.20 24.46
C VAL B 70 12.00 0.20 25.40
N ASP B 71 13.32 0.00 25.28
CA ASP B 71 14.03 -0.79 26.28
C ASP B 71 13.80 -0.20 27.66
N ALA B 72 14.10 1.08 27.83
CA ALA B 72 13.94 1.71 29.15
C ALA B 72 12.53 1.51 29.68
N ALA B 73 11.52 1.54 28.80
CA ALA B 73 10.16 1.35 29.30
C ALA B 73 9.95 -0.08 29.80
N VAL B 74 10.40 -1.08 29.05
CA VAL B 74 10.17 -2.45 29.47
C VAL B 74 10.94 -2.75 30.76
N ARG B 75 12.12 -2.13 30.90
CA ARG B 75 12.90 -2.30 32.11
C ARG B 75 12.17 -1.76 33.33
N GLY B 76 11.58 -0.58 33.22
CA GLY B 76 10.70 -0.11 34.29
C GLY B 76 9.54 -1.06 34.54
N ILE B 77 8.90 -1.54 33.48
CA ILE B 77 7.71 -2.37 33.65
C ILE B 77 8.05 -3.60 34.46
N LEU B 78 9.16 -4.26 34.12
CA LEU B 78 9.58 -5.47 34.82
C LEU B 78 9.91 -5.21 36.29
N ARG B 79 10.35 -4.00 36.62
CA ARG B 79 10.68 -3.70 38.01
C ARG B 79 9.44 -3.52 38.87
N ASN B 80 8.30 -3.18 38.28
CA ASN B 80 7.11 -2.87 39.06
C ASN B 80 6.35 -4.16 39.32
N ALA B 81 6.02 -4.41 40.58
CA ALA B 81 5.47 -5.69 40.99
C ALA B 81 4.02 -5.89 40.56
N LYS B 82 3.28 -4.79 40.38
CA LYS B 82 1.97 -4.89 39.77
C LYS B 82 2.04 -4.97 38.24
N LEU B 83 3.06 -4.41 37.60
CA LEU B 83 3.09 -4.45 36.14
C LEU B 83 3.69 -5.73 35.58
N LYS B 84 4.69 -6.29 36.26
CA LYS B 84 5.45 -7.40 35.68
C LYS B 84 4.60 -8.62 35.37
N PRO B 85 3.81 -9.17 36.30
CA PRO B 85 3.02 -10.37 35.95
C PRO B 85 2.00 -10.17 34.83
N VAL B 86 1.39 -8.99 34.67
CA VAL B 86 0.42 -8.82 33.59
C VAL B 86 1.14 -8.79 32.24
N TYR B 87 2.30 -8.15 32.19
CA TYR B 87 3.10 -8.10 30.97
C TYR B 87 3.53 -9.49 30.51
N ASP B 88 3.90 -10.37 31.44
CA ASP B 88 4.37 -11.69 31.04
C ASP B 88 3.23 -12.57 30.51
N SER B 89 2.01 -12.33 30.96
CA SER B 89 0.87 -13.12 30.51
C SER B 89 0.27 -12.62 29.23
N LEU B 90 0.88 -11.66 28.54
CA LEU B 90 0.22 -10.99 27.43
C LEU B 90 0.97 -11.28 26.14
N ASP B 91 0.21 -11.34 25.04
CA ASP B 91 0.80 -11.46 23.71
C ASP B 91 1.54 -10.17 23.33
N ALA B 92 2.23 -10.24 22.20
CA ALA B 92 3.04 -9.12 21.72
C ALA B 92 2.20 -7.89 21.34
N VAL B 93 0.98 -8.10 20.78
CA VAL B 93 0.19 -6.92 20.43
C VAL B 93 -0.27 -6.20 21.70
N ARG B 94 -0.74 -6.96 22.69
CA ARG B 94 -1.26 -6.34 23.91
C ARG B 94 -0.13 -5.72 24.76
N ARG B 95 1.07 -6.28 24.69
CA ARG B 95 2.20 -5.67 25.41
C ARG B 95 2.46 -4.26 24.92
N SER B 96 2.39 -4.06 23.59
CA SER B 96 2.63 -2.75 23.01
C SER B 96 1.64 -1.72 23.56
N ALA B 97 0.39 -2.13 23.73
CA ALA B 97 -0.63 -1.24 24.30
C ALA B 97 -0.29 -0.87 25.74
N LEU B 98 0.28 -1.80 26.50
CA LEU B 98 0.77 -1.45 27.82
C LEU B 98 1.94 -0.47 27.71
N ILE B 99 2.86 -0.71 26.77
CA ILE B 99 4.00 0.21 26.63
C ILE B 99 3.51 1.59 26.20
N ASN B 100 2.52 1.60 25.31
CA ASN B 100 1.88 2.85 24.92
C ASN B 100 1.47 3.63 26.17
N MET B 101 0.71 2.97 27.04
CA MET B 101 0.25 3.63 28.27
C MET B 101 1.42 4.16 29.10
N VAL B 102 2.50 3.39 29.22
CA VAL B 102 3.64 3.83 30.04
C VAL B 102 4.28 5.08 29.43
N PHE B 103 4.37 5.14 28.10
CA PHE B 103 4.87 6.36 27.46
C PHE B 103 4.04 7.58 27.89
N GLN B 104 2.74 7.41 28.01
CA GLN B 104 1.88 8.56 28.28
C GLN B 104 1.89 8.95 29.75
N MET B 105 1.66 7.99 30.66
CA MET B 105 1.44 8.29 32.07
C MET B 105 2.53 7.75 33.02
N GLY B 106 3.58 7.14 32.52
CA GLY B 106 4.58 6.53 33.37
C GLY B 106 4.14 5.20 33.99
N GLU B 107 5.10 4.55 34.66
CA GLU B 107 4.83 3.26 35.29
C GLU B 107 3.89 3.39 36.50
N THR B 108 3.95 4.53 37.17
CA THR B 108 3.16 4.73 38.36
C THR B 108 1.71 4.95 38.03
N GLY B 109 1.46 5.72 36.97
CA GLY B 109 0.10 5.84 36.45
C GLY B 109 -0.55 4.51 36.10
N VAL B 110 0.19 3.61 35.45
CA VAL B 110 -0.48 2.39 35.00
C VAL B 110 -0.81 1.52 36.18
N ALA B 111 0.07 1.49 37.18
CA ALA B 111 -0.14 0.65 38.37
C ALA B 111 -1.39 1.01 39.15
N GLY B 112 -1.89 2.24 39.01
CA GLY B 112 -3.17 2.60 39.61
C GLY B 112 -4.40 1.95 38.98
N PHE B 113 -4.29 1.42 37.76
CA PHE B 113 -5.48 0.80 37.15
C PHE B 113 -5.59 -0.65 37.63
N THR B 114 -5.98 -0.79 38.92
CA THR B 114 -5.84 -2.07 39.62
C THR B 114 -6.82 -3.11 39.11
N ASN B 115 -8.10 -2.75 38.98
CA ASN B 115 -9.07 -3.73 38.49
C ASN B 115 -8.78 -4.11 37.04
N SER B 116 -8.64 -3.14 36.14
CA SER B 116 -8.40 -3.47 34.75
C SER B 116 -7.18 -4.37 34.62
N LEU B 117 -6.17 -4.18 35.50
CA LEU B 117 -4.95 -4.98 35.39
C LEU B 117 -5.19 -6.46 35.69
N ARG B 118 -6.10 -6.74 36.63
CA ARG B 118 -6.39 -8.14 36.94
C ARG B 118 -7.29 -8.75 35.88
N MET B 119 -8.26 -7.98 35.38
CA MET B 119 -9.09 -8.46 34.28
C MET B 119 -8.25 -8.88 33.08
N LEU B 120 -7.21 -8.09 32.77
CA LEU B 120 -6.31 -8.41 31.67
C LEU B 120 -5.52 -9.68 31.94
N GLN B 121 -5.03 -9.86 33.18
CA GLN B 121 -4.29 -11.09 33.48
C GLN B 121 -5.19 -12.32 33.51
N GLN B 122 -6.50 -12.13 33.67
CA GLN B 122 -7.45 -13.23 33.59
C GLN B 122 -8.06 -13.34 32.21
N LYS B 123 -7.50 -12.62 31.23
CA LYS B 123 -7.96 -12.66 29.84
C LYS B 123 -9.44 -12.29 29.72
N ARG B 124 -9.99 -11.65 30.76
CA ARG B 124 -11.36 -11.13 30.71
C ARG B 124 -11.35 -9.76 30.03
N TRP B 125 -11.08 -9.78 28.73
CA TRP B 125 -10.80 -8.54 28.00
C TRP B 125 -12.01 -7.62 27.87
N ASP B 126 -13.20 -8.16 27.73
CA ASP B 126 -14.37 -7.29 27.68
C ASP B 126 -14.53 -6.48 28.96
N GLU B 127 -14.28 -7.09 30.12
CA GLU B 127 -14.44 -6.34 31.35
C GLU B 127 -13.30 -5.37 31.57
N ALA B 128 -12.09 -5.70 31.10
CA ALA B 128 -11.00 -4.74 31.20
C ALA B 128 -11.35 -3.43 30.52
N ALA B 129 -12.07 -3.51 29.39
CA ALA B 129 -12.33 -2.31 28.60
C ALA B 129 -13.33 -1.40 29.29
N VAL B 130 -14.34 -1.98 29.95
CA VAL B 130 -15.29 -1.14 30.69
C VAL B 130 -14.60 -0.44 31.84
N ASN B 131 -13.71 -1.14 32.55
CA ASN B 131 -13.01 -0.51 33.66
C ASN B 131 -12.10 0.61 33.17
N LEU B 132 -11.41 0.38 32.05
CA LEU B 132 -10.44 1.37 31.58
C LEU B 132 -11.15 2.65 31.16
N ALA B 133 -12.32 2.52 30.58
CA ALA B 133 -13.08 3.65 30.08
C ALA B 133 -13.68 4.52 31.18
N LYS B 134 -13.86 3.96 32.38
CA LYS B 134 -14.34 4.72 33.53
C LYS B 134 -13.14 5.34 34.25
N SER B 135 -12.49 6.28 33.56
CA SER B 135 -11.32 6.93 34.13
C SER B 135 -11.22 8.35 33.63
N ARG B 136 -10.41 9.13 34.33
CA ARG B 136 -10.12 10.48 33.86
C ARG B 136 -9.22 10.46 32.62
N TRP B 137 -8.43 9.41 32.46
CA TRP B 137 -7.60 9.28 31.27
C TRP B 137 -8.45 9.25 30.00
N TYR B 138 -9.47 8.40 29.99
CA TYR B 138 -10.36 8.32 28.86
C TYR B 138 -10.96 9.67 28.50
N ASN B 139 -11.33 10.47 29.49
CA ASN B 139 -11.95 11.76 29.23
C ASN B 139 -10.97 12.80 28.76
N GLN B 140 -9.70 12.67 29.04
CA GLN B 140 -8.83 13.77 28.63
C GLN B 140 -8.21 13.57 27.27
N THR B 141 -7.96 12.32 26.87
CA THR B 141 -7.48 11.98 25.53
C THR B 141 -8.31 10.81 25.00
N PRO B 142 -9.56 11.06 24.64
CA PRO B 142 -10.46 9.94 24.29
C PRO B 142 -10.07 9.15 23.04
N ASN B 143 -9.69 9.80 21.94
CA ASN B 143 -9.44 9.02 20.72
C ASN B 143 -8.24 8.10 20.89
N ARG B 144 -7.17 8.59 21.49
CA ARG B 144 -6.06 7.69 21.80
C ARG B 144 -6.52 6.56 22.72
N ALA B 145 -7.36 6.85 23.73
CA ALA B 145 -7.73 5.84 24.71
C ALA B 145 -8.55 4.73 24.07
N LYS B 146 -9.47 5.11 23.17
CA LYS B 146 -10.24 4.13 22.40
C LYS B 146 -9.38 3.25 21.51
N ARG B 147 -8.28 3.77 20.98
CA ARG B 147 -7.43 2.90 20.18
C ARG B 147 -6.71 1.87 21.03
N VAL B 148 -6.20 2.31 22.20
CA VAL B 148 -5.39 1.46 23.04
C VAL B 148 -6.26 0.37 23.68
N ILE B 149 -7.44 0.77 24.14
CA ILE B 149 -8.37 -0.23 24.67
C ILE B 149 -8.69 -1.26 23.58
N ALA B 150 -9.06 -0.80 22.38
CA ALA B 150 -9.41 -1.72 21.28
C ALA B 150 -8.30 -2.73 21.03
N THR B 151 -7.05 -2.28 21.01
CA THR B 151 -5.95 -3.24 20.93
C THR B 151 -6.01 -4.25 22.06
N PHE B 152 -6.38 -3.82 23.28
CA PHE B 152 -6.47 -4.76 24.39
C PHE B 152 -7.59 -5.75 24.14
N ARG B 153 -8.73 -5.25 23.69
CA ARG B 153 -9.89 -6.14 23.55
C ARG B 153 -9.64 -7.24 22.54
N THR B 154 -9.10 -6.90 21.36
CA THR B 154 -9.01 -7.88 20.26
C THR B 154 -7.63 -8.49 20.07
N GLY B 155 -6.58 -7.86 20.60
CA GLY B 155 -5.24 -8.34 20.30
C GLY B 155 -4.80 -8.11 18.87
N THR B 156 -5.44 -7.20 18.13
CA THR B 156 -5.03 -6.96 16.76
C THR B 156 -4.58 -5.51 16.58
N TRP B 157 -3.95 -5.25 15.44
CA TRP B 157 -3.49 -3.93 15.06
C TRP B 157 -4.56 -3.14 14.33
N ASP B 158 -5.78 -3.69 14.28
CA ASP B 158 -6.78 -3.21 13.34
C ASP B 158 -7.05 -1.71 13.50
N ALA B 159 -6.91 -1.18 14.69
CA ALA B 159 -7.29 0.20 14.94
C ALA B 159 -6.25 1.22 14.50
N TYR B 160 -4.99 0.82 14.26
CA TYR B 160 -3.95 1.83 14.00
C TYR B 160 -3.50 2.00 12.54
#